data_5QIV
#
_entry.id   5QIV
#
_cell.length_a   47.240
_cell.length_b   58.635
_cell.length_c   49.790
_cell.angle_alpha   90.000
_cell.angle_beta   116.180
_cell.angle_gamma   90.000
#
_symmetry.space_group_name_H-M   'P 1 21 1'
#
loop_
_entity.id
_entity.type
_entity.pdbx_description
1 polymer 'Ubiquitin thioesterase OTUB2'
2 non-polymer 1,2-ETHANEDIOL
3 non-polymer "N'-acetyl-2-[(3R)-1,1-dioxo-1lambda~6~-thiolan-3-yl]acetohydrazide"
4 non-polymer 'UNKNOWN LIGAND'
5 water water
#
_entity_poly.entity_id   1
_entity_poly.type   'polypeptide(L)'
_entity_poly.pdbx_seq_one_letter_code
;FNLISEKCDILSILRDHPENRIYRRKIEELSKRFTAIRKTKGDRNCFYRALGYSYLESLLGKSREIFKFKERVLQTPNDL
LAAGFEEHKFRNFFNAFYSVVELVEKDGSVSSLLKVFNDQSASDHIVQFLRLLTSAFIRNRADFFRHFIDEEMDIKDFCT
HEVEPMATECDHIQITALSQALSIALQVEYVDEMDTALNHHVFPEAATPSVYLLYKTSHYNILYA
;
_entity_poly.pdbx_strand_id   A
#
# COMPACT_ATOMS: atom_id res chain seq x y z
N PHE A 1 -11.28 2.91 -15.01
CA PHE A 1 -9.90 2.90 -14.35
C PHE A 1 -9.66 4.20 -13.56
N ASN A 2 -10.66 4.63 -12.78
CA ASN A 2 -10.58 5.89 -12.08
C ASN A 2 -9.82 5.81 -10.75
N LEU A 3 -9.62 4.64 -10.16
CA LEU A 3 -8.88 4.50 -8.88
C LEU A 3 -7.44 4.00 -9.10
N ILE A 4 -7.25 3.04 -10.02
CA ILE A 4 -5.94 2.51 -10.39
C ILE A 4 -5.91 2.37 -11.92
N SER A 5 -4.93 3.04 -12.56
CA SER A 5 -4.88 3.12 -14.04
C SER A 5 -4.33 1.83 -14.63
N GLU A 6 -4.46 1.80 -15.97
CA GLU A 6 -3.74 0.91 -16.82
C GLU A 6 -2.24 1.25 -16.76
N LYS A 7 -1.38 0.32 -17.21
CA LYS A 7 0.04 0.53 -17.15
C LYS A 7 0.43 1.49 -18.25
N CYS A 8 1.34 2.41 -17.95
CA CYS A 8 1.90 3.34 -18.94
CA CYS A 8 1.90 3.18 -19.03
C CYS A 8 3.44 3.34 -18.89
N ASP A 9 4.06 3.85 -19.97
CA ASP A 9 5.50 4.03 -20.05
C ASP A 9 5.92 5.05 -18.98
N ILE A 10 7.03 4.77 -18.28
CA ILE A 10 7.48 5.66 -17.18
C ILE A 10 7.59 7.15 -17.62
N LEU A 11 8.09 7.46 -18.84
CA LEU A 11 8.31 8.84 -19.22
C LEU A 11 6.97 9.58 -19.49
N SER A 12 5.84 8.86 -19.55
CA SER A 12 4.55 9.50 -19.74
C SER A 12 4.20 10.48 -18.59
N ILE A 13 4.88 10.37 -17.45
CA ILE A 13 4.57 11.29 -16.35
C ILE A 13 5.36 12.60 -16.43
N LEU A 14 6.25 12.78 -17.43
CA LEU A 14 6.89 14.09 -17.62
C LEU A 14 5.82 15.18 -17.79
N ARG A 15 4.68 14.85 -18.41
CA ARG A 15 3.67 15.85 -18.72
C ARG A 15 2.99 16.36 -17.45
N ASP A 16 3.13 15.65 -16.31
CA ASP A 16 2.55 16.12 -15.03
C ASP A 16 3.32 17.32 -14.45
N HIS A 17 4.58 17.56 -14.86
CA HIS A 17 5.38 18.70 -14.35
C HIS A 17 6.20 19.30 -15.49
N PRO A 18 5.49 19.84 -16.50
CA PRO A 18 6.21 20.33 -17.66
C PRO A 18 7.15 21.50 -17.28
N GLU A 19 8.30 21.57 -17.95
CA GLU A 19 9.20 22.73 -17.75
C GLU A 19 9.56 22.83 -16.25
N ASN A 20 9.75 21.67 -15.62
CA ASN A 20 10.28 21.61 -14.28
C ASN A 20 11.59 20.82 -14.32
N ARG A 21 12.74 21.53 -14.25
CA ARG A 21 14.08 20.99 -14.48
C ARG A 21 14.36 19.79 -13.58
N ILE A 22 14.06 19.95 -12.29
CA ILE A 22 14.43 18.92 -11.30
C ILE A 22 13.54 17.69 -11.43
N TYR A 23 12.24 17.90 -11.61
CA TYR A 23 11.35 16.76 -11.84
C TYR A 23 11.76 15.99 -13.12
N ARG A 24 12.06 16.73 -14.21
CA ARG A 24 12.44 16.05 -15.46
C ARG A 24 13.70 15.22 -15.19
N ARG A 25 14.69 15.80 -14.51
CA ARG A 25 15.95 15.03 -14.26
C ARG A 25 15.67 13.74 -13.48
N LYS A 26 14.89 13.84 -12.39
CA LYS A 26 14.67 12.71 -11.53
C LYS A 26 13.84 11.63 -12.22
N ILE A 27 12.83 12.06 -13.03
CA ILE A 27 12.02 11.07 -13.79
C ILE A 27 12.88 10.39 -14.88
N GLU A 28 13.73 11.16 -15.55
CA GLU A 28 14.68 10.50 -16.53
C GLU A 28 15.57 9.45 -15.84
N GLU A 29 16.09 9.79 -14.63
CA GLU A 29 16.90 8.83 -13.85
C GLU A 29 16.07 7.59 -13.48
N LEU A 30 14.85 7.82 -13.00
CA LEU A 30 13.95 6.72 -12.60
C LEU A 30 13.69 5.76 -13.78
N SER A 31 13.56 6.32 -15.00
CA SER A 31 13.32 5.51 -16.24
C SER A 31 14.48 4.56 -16.58
N LYS A 32 15.66 4.76 -15.96
CA LYS A 32 16.79 3.88 -16.23
C LYS A 32 16.64 2.58 -15.43
N ARG A 33 15.85 2.62 -14.33
CA ARG A 33 15.70 1.45 -13.42
C ARG A 33 14.30 0.81 -13.47
N PHE A 34 13.29 1.58 -13.93
CA PHE A 34 11.92 1.10 -14.00
C PHE A 34 11.36 1.33 -15.42
N THR A 35 10.50 0.44 -15.88
CA THR A 35 9.95 0.47 -17.25
C THR A 35 8.53 1.05 -17.36
N ALA A 36 7.73 0.96 -16.28
CA ALA A 36 6.31 1.25 -16.38
C ALA A 36 5.77 1.75 -15.03
N ILE A 37 4.59 2.38 -15.07
CA ILE A 37 3.91 3.01 -13.91
C ILE A 37 2.39 2.86 -14.03
N ARG A 38 1.71 2.64 -12.90
CA ARG A 38 0.27 2.86 -12.77
C ARG A 38 0.04 4.06 -11.83
N LYS A 39 -0.87 4.91 -12.24
CA LYS A 39 -1.32 6.06 -11.43
C LYS A 39 -2.47 5.61 -10.52
N THR A 40 -2.54 6.26 -9.35
CA THR A 40 -3.60 6.03 -8.38
C THR A 40 -4.35 7.36 -8.09
N LYS A 41 -5.64 7.25 -7.74
CA LYS A 41 -6.40 8.49 -7.37
C LYS A 41 -5.89 9.11 -6.05
N GLY A 42 -5.69 10.43 -6.02
CA GLY A 42 -5.20 11.17 -4.83
C GLY A 42 -6.31 11.62 -3.89
N ASP A 43 -6.94 10.64 -3.25
CA ASP A 43 -8.14 10.89 -2.42
C ASP A 43 -7.85 10.73 -0.89
N ARG A 44 -6.58 10.61 -0.51
CA ARG A 44 -6.15 10.35 0.89
C ARG A 44 -6.03 8.88 1.24
N ASN A 45 -6.46 7.98 0.34
CA ASN A 45 -6.42 6.50 0.54
C ASN A 45 -5.35 5.79 -0.34
N CYS A 46 -4.54 6.58 -1.08
CA CYS A 46 -3.78 5.95 -2.15
C CYS A 46 -2.66 5.02 -1.66
N PHE A 47 -2.12 5.21 -0.43
CA PHE A 47 -1.08 4.30 0.04
C PHE A 47 -1.64 2.89 0.19
N TYR A 48 -2.76 2.82 0.95
CA TYR A 48 -3.44 1.52 1.21
C TYR A 48 -3.88 0.83 -0.10
N ARG A 49 -4.51 1.65 -0.97
CA ARG A 49 -5.03 1.11 -2.27
C ARG A 49 -3.88 0.61 -3.16
N ALA A 50 -2.79 1.40 -3.24
CA ALA A 50 -1.65 1.01 -4.11
C ALA A 50 -0.93 -0.23 -3.57
N LEU A 51 -0.71 -0.27 -2.20
CA LEU A 51 0.04 -1.44 -1.65
C LEU A 51 -0.81 -2.71 -1.76
N GLY A 52 -2.13 -2.60 -1.48
CA GLY A 52 -2.98 -3.77 -1.64
C GLY A 52 -3.03 -4.32 -3.08
N TYR A 53 -3.24 -3.42 -4.01
CA TYR A 53 -3.28 -3.90 -5.45
C TYR A 53 -1.94 -4.47 -5.87
N SER A 54 -0.84 -3.73 -5.64
CA SER A 54 0.47 -4.15 -6.19
CA SER A 54 0.47 -4.15 -6.20
C SER A 54 0.94 -5.46 -5.57
N TYR A 55 0.72 -5.65 -4.26
CA TYR A 55 1.15 -6.89 -3.59
C TYR A 55 0.34 -8.10 -4.09
N LEU A 56 -1.00 -7.98 -4.17
CA LEU A 56 -1.84 -9.07 -4.66
C LEU A 56 -1.47 -9.38 -6.14
N GLU A 57 -1.23 -8.33 -6.94
CA GLU A 57 -0.79 -8.58 -8.38
C GLU A 57 0.51 -9.42 -8.44
N SER A 58 1.41 -9.16 -7.47
CA SER A 58 2.71 -9.85 -7.44
C SER A 58 2.53 -11.35 -7.07
N LEU A 59 1.40 -11.72 -6.46
CA LEU A 59 1.16 -13.11 -6.06
C LEU A 59 0.58 -13.95 -7.21
N LEU A 60 0.06 -13.28 -8.27
CA LEU A 60 -0.71 -14.05 -9.31
C LEU A 60 0.13 -15.20 -9.87
N GLY A 61 -0.44 -16.41 -9.87
CA GLY A 61 0.25 -17.64 -10.41
C GLY A 61 1.25 -18.34 -9.50
N LYS A 62 1.43 -17.83 -8.27
CA LYS A 62 2.47 -18.33 -7.32
C LYS A 62 1.77 -19.15 -6.25
N SER A 63 1.64 -20.44 -6.46
CA SER A 63 0.73 -21.29 -5.60
C SER A 63 1.25 -21.42 -4.16
N ARG A 64 2.56 -21.51 -3.94
CA ARG A 64 3.04 -21.58 -2.50
C ARG A 64 2.89 -20.24 -1.79
N GLU A 65 3.20 -19.15 -2.46
CA GLU A 65 3.13 -17.82 -1.87
C GLU A 65 1.66 -17.47 -1.55
N ILE A 66 0.72 -17.79 -2.43
CA ILE A 66 -0.71 -17.60 -2.17
C ILE A 66 -1.12 -18.40 -0.93
N PHE A 67 -0.76 -19.68 -0.85
CA PHE A 67 -1.16 -20.53 0.29
C PHE A 67 -0.71 -19.84 1.59
N LYS A 68 0.57 -19.46 1.67
CA LYS A 68 1.17 -18.85 2.91
C LYS A 68 0.48 -17.52 3.25
N PHE A 69 0.14 -16.71 2.23
CA PHE A 69 -0.52 -15.39 2.47
C PHE A 69 -1.93 -15.64 2.99
N LYS A 70 -2.68 -16.55 2.38
CA LYS A 70 -4.07 -16.88 2.88
C LYS A 70 -4.02 -17.32 4.36
N GLU A 71 -3.04 -18.16 4.70
CA GLU A 71 -2.88 -18.63 6.10
C GLU A 71 -2.73 -17.41 7.04
N ARG A 72 -1.90 -16.41 6.69
CA ARG A 72 -1.72 -15.20 7.54
C ARG A 72 -3.02 -14.39 7.60
N VAL A 73 -3.68 -14.20 6.43
CA VAL A 73 -4.95 -13.40 6.38
C VAL A 73 -6.02 -14.07 7.28
N LEU A 74 -6.08 -15.40 7.31
CA LEU A 74 -7.10 -16.07 8.15
C LEU A 74 -6.86 -15.81 9.66
N GLN A 75 -5.64 -15.43 10.04
CA GLN A 75 -5.36 -15.12 11.46
C GLN A 75 -5.60 -13.67 11.81
N THR A 76 -5.74 -12.77 10.84
CA THR A 76 -5.88 -11.32 11.12
C THR A 76 -7.09 -10.94 11.98
N PRO A 77 -8.25 -11.65 11.95
CA PRO A 77 -9.31 -11.30 12.91
C PRO A 77 -8.82 -11.33 14.36
N ASN A 78 -7.90 -12.24 14.68
CA ASN A 78 -7.35 -12.34 16.07
C ASN A 78 -6.57 -11.07 16.42
N ASP A 79 -5.77 -10.52 15.51
CA ASP A 79 -5.09 -9.25 15.74
C ASP A 79 -6.11 -8.15 16.10
N LEU A 80 -7.16 -8.05 15.26
CA LEU A 80 -8.22 -6.98 15.47
C LEU A 80 -8.90 -7.17 16.84
N LEU A 81 -9.26 -8.40 17.21
CA LEU A 81 -9.94 -8.66 18.48
C LEU A 81 -8.98 -8.29 19.64
N ALA A 82 -7.70 -8.65 19.57
CA ALA A 82 -6.75 -8.40 20.66
C ALA A 82 -6.57 -6.89 20.91
N ALA A 83 -6.81 -6.05 19.87
CA ALA A 83 -6.66 -4.59 19.94
C ALA A 83 -7.97 -3.91 20.38
N GLY A 84 -9.04 -4.69 20.51
CA GLY A 84 -10.36 -4.16 21.00
C GLY A 84 -11.41 -3.87 19.96
N PHE A 85 -11.15 -4.26 18.71
CA PHE A 85 -12.16 -4.15 17.64
C PHE A 85 -13.16 -5.28 17.84
N GLU A 86 -14.41 -5.04 17.48
CA GLU A 86 -15.48 -6.04 17.66
C GLU A 86 -15.82 -6.74 16.34
N GLU A 87 -16.01 -8.06 16.35
CA GLU A 87 -16.18 -8.83 15.12
C GLU A 87 -17.34 -8.30 14.30
N HIS A 88 -18.48 -7.95 14.91
CA HIS A 88 -19.61 -7.58 14.11
C HIS A 88 -19.32 -6.26 13.38
N LYS A 89 -18.39 -5.42 13.89
CA LYS A 89 -18.00 -4.14 13.25
C LYS A 89 -16.86 -4.27 12.20
N PHE A 90 -16.07 -5.35 12.23
CA PHE A 90 -15.02 -5.51 11.17
C PHE A 90 -15.40 -6.58 10.14
N ARG A 91 -16.40 -7.40 10.41
CA ARG A 91 -16.84 -8.56 9.51
C ARG A 91 -16.93 -8.11 8.04
N ASN A 92 -17.64 -7.03 7.75
CA ASN A 92 -17.90 -6.70 6.33
C ASN A 92 -16.57 -6.38 5.62
N PHE A 93 -15.61 -5.76 6.33
CA PHE A 93 -14.30 -5.36 5.77
C PHE A 93 -13.36 -6.57 5.62
N PHE A 94 -13.27 -7.42 6.68
CA PHE A 94 -12.52 -8.65 6.58
C PHE A 94 -13.04 -9.51 5.39
N ASN A 95 -14.34 -9.63 5.27
CA ASN A 95 -14.92 -10.51 4.24
C ASN A 95 -14.52 -10.00 2.84
N ALA A 96 -14.53 -8.69 2.64
CA ALA A 96 -14.14 -8.12 1.36
C ALA A 96 -12.67 -8.44 1.03
N PHE A 97 -11.76 -8.30 2.01
CA PHE A 97 -10.33 -8.60 1.76
C PHE A 97 -10.13 -10.10 1.48
N TYR A 98 -10.73 -11.00 2.29
CA TYR A 98 -10.60 -12.44 2.07
C TYR A 98 -11.10 -12.76 0.64
N SER A 99 -12.23 -12.17 0.21
CA SER A 99 -12.80 -12.41 -1.16
C SER A 99 -11.78 -12.07 -2.25
N VAL A 100 -11.07 -10.96 -2.14
CA VAL A 100 -10.14 -10.59 -3.20
C VAL A 100 -8.89 -11.50 -3.17
N VAL A 101 -8.46 -12.01 -2.01
CA VAL A 101 -7.39 -12.97 -1.96
C VAL A 101 -7.83 -14.28 -2.65
N GLU A 102 -9.06 -14.75 -2.40
CA GLU A 102 -9.56 -15.94 -3.09
C GLU A 102 -9.64 -15.69 -4.62
N LEU A 103 -9.95 -14.46 -5.06
CA LEU A 103 -9.94 -14.14 -6.54
C LEU A 103 -8.54 -14.32 -7.14
N VAL A 104 -7.52 -13.87 -6.41
CA VAL A 104 -6.14 -14.07 -6.86
C VAL A 104 -5.87 -15.57 -7.11
N GLU A 105 -6.28 -16.42 -6.15
CA GLU A 105 -6.15 -17.85 -6.22
C GLU A 105 -6.98 -18.49 -7.36
N LYS A 106 -8.26 -18.16 -7.46
CA LYS A 106 -9.22 -18.91 -8.28
C LYS A 106 -9.22 -18.39 -9.73
N ASP A 107 -9.19 -17.09 -9.93
CA ASP A 107 -9.29 -16.43 -11.22
C ASP A 107 -7.87 -16.22 -11.75
N GLY A 108 -7.01 -15.56 -10.97
CA GLY A 108 -5.59 -15.43 -11.33
C GLY A 108 -5.26 -14.42 -12.43
N SER A 109 -6.21 -13.62 -12.92
CA SER A 109 -5.92 -12.62 -14.01
C SER A 109 -5.66 -11.21 -13.43
N VAL A 110 -4.78 -10.43 -14.07
CA VAL A 110 -4.65 -9.03 -13.83
C VAL A 110 -5.99 -8.30 -14.06
N SER A 111 -6.71 -8.63 -15.12
CA SER A 111 -7.94 -7.91 -15.49
CA SER A 111 -7.88 -7.84 -15.44
C SER A 111 -8.97 -7.95 -14.36
N SER A 112 -9.19 -9.15 -13.81
CA SER A 112 -10.23 -9.33 -12.75
CA SER A 112 -10.20 -9.35 -12.74
C SER A 112 -9.79 -8.61 -11.45
N LEU A 113 -8.49 -8.62 -11.14
CA LEU A 113 -8.01 -7.97 -9.88
C LEU A 113 -8.16 -6.45 -10.02
N LEU A 114 -7.78 -5.92 -11.22
CA LEU A 114 -7.89 -4.48 -11.50
C LEU A 114 -9.37 -4.03 -11.46
N LYS A 115 -10.31 -4.87 -11.92
CA LYS A 115 -11.76 -4.50 -11.88
C LYS A 115 -12.23 -4.35 -10.41
N VAL A 116 -11.80 -5.26 -9.52
CA VAL A 116 -12.18 -5.14 -8.04
C VAL A 116 -11.61 -3.85 -7.47
N PHE A 117 -10.32 -3.55 -7.76
CA PHE A 117 -9.72 -2.36 -7.17
C PHE A 117 -10.23 -1.03 -7.76
N ASN A 118 -10.94 -1.07 -8.92
CA ASN A 118 -11.62 0.10 -9.53
C ASN A 118 -13.13 0.15 -9.23
N ASP A 119 -13.66 -0.85 -8.53
CA ASP A 119 -15.10 -0.89 -8.02
C ASP A 119 -15.09 -0.07 -6.73
N GLN A 120 -15.68 1.09 -6.71
CA GLN A 120 -15.61 2.00 -5.55
C GLN A 120 -15.99 1.29 -4.24
N SER A 121 -17.00 0.45 -4.27
CA SER A 121 -17.51 -0.23 -3.07
C SER A 121 -16.49 -1.30 -2.63
N ALA A 122 -16.12 -2.24 -3.49
CA ALA A 122 -15.19 -3.30 -3.08
C ALA A 122 -13.86 -2.68 -2.64
N SER A 123 -13.35 -1.75 -3.43
CA SER A 123 -12.01 -1.19 -3.23
C SER A 123 -12.00 -0.42 -1.87
N ASP A 124 -13.03 0.38 -1.59
CA ASP A 124 -13.07 1.15 -0.32
C ASP A 124 -13.29 0.18 0.87
N HIS A 125 -13.96 -0.94 0.70
CA HIS A 125 -14.05 -1.96 1.77
C HIS A 125 -12.65 -2.51 2.07
N ILE A 126 -11.87 -2.85 0.99
CA ILE A 126 -10.53 -3.35 1.14
C ILE A 126 -9.67 -2.31 1.87
N VAL A 127 -9.67 -1.06 1.47
CA VAL A 127 -8.90 -0.01 2.09
C VAL A 127 -9.29 0.08 3.60
N GLN A 128 -10.58 0.07 3.95
CA GLN A 128 -10.99 0.22 5.35
C GLN A 128 -10.44 -0.97 6.16
N PHE A 129 -10.48 -2.18 5.61
CA PHE A 129 -9.87 -3.36 6.29
C PHE A 129 -8.39 -3.12 6.59
N LEU A 130 -7.62 -2.67 5.57
CA LEU A 130 -6.20 -2.47 5.74
C LEU A 130 -5.93 -1.38 6.79
N ARG A 131 -6.77 -0.34 6.84
CA ARG A 131 -6.62 0.70 7.85
C ARG A 131 -6.89 0.12 9.29
N LEU A 132 -7.91 -0.71 9.45
CA LEU A 132 -8.16 -1.32 10.82
C LEU A 132 -7.01 -2.23 11.19
N LEU A 133 -6.48 -3.03 10.25
CA LEU A 133 -5.36 -3.94 10.57
C LEU A 133 -4.14 -3.10 10.97
N THR A 134 -3.82 -2.03 10.28
CA THR A 134 -2.69 -1.15 10.58
C THR A 134 -2.81 -0.61 12.03
N SER A 135 -4.01 -0.11 12.38
CA SER A 135 -4.33 0.40 13.73
C SER A 135 -4.15 -0.72 14.77
N ALA A 136 -4.71 -1.90 14.53
CA ALA A 136 -4.58 -3.04 15.46
C ALA A 136 -3.10 -3.37 15.71
N PHE A 137 -2.29 -3.45 14.65
CA PHE A 137 -0.93 -3.87 14.76
C PHE A 137 -0.11 -2.85 15.57
N ILE A 138 -0.31 -1.55 15.38
CA ILE A 138 0.32 -0.47 16.15
C ILE A 138 -0.13 -0.58 17.64
N ARG A 139 -1.43 -0.72 17.89
CA ARG A 139 -1.96 -0.72 19.26
C ARG A 139 -1.36 -1.90 20.02
N ASN A 140 -1.27 -3.07 19.40
CA ASN A 140 -0.80 -4.32 20.06
C ASN A 140 0.72 -4.27 20.33
N ARG A 141 1.44 -3.37 19.64
CA ARG A 141 2.91 -3.21 19.77
C ARG A 141 3.25 -1.74 20.12
N ALA A 142 2.43 -1.16 21.01
CA ALA A 142 2.62 0.28 21.32
C ALA A 142 4.04 0.59 21.84
N ASP A 143 4.60 -0.30 22.66
CA ASP A 143 5.94 -0.04 23.28
C ASP A 143 7.03 0.01 22.18
N PHE A 144 6.87 -0.84 21.15
CA PHE A 144 7.81 -0.89 19.97
C PHE A 144 7.76 0.44 19.21
N PHE A 145 6.55 0.90 18.90
CA PHE A 145 6.38 2.18 18.17
C PHE A 145 6.91 3.33 19.08
N ARG A 146 6.71 3.30 20.41
CA ARG A 146 7.32 4.40 21.27
C ARG A 146 8.86 4.29 21.34
N HIS A 147 9.42 3.08 21.43
CA HIS A 147 10.86 2.89 21.62
C HIS A 147 11.60 3.34 20.35
N PHE A 148 11.11 2.90 19.19
CA PHE A 148 11.89 3.01 17.94
C PHE A 148 11.47 4.22 17.07
N ILE A 149 10.22 4.71 17.21
CA ILE A 149 9.71 5.85 16.34
C ILE A 149 9.70 7.17 17.15
N ASP A 150 9.01 7.18 18.30
CA ASP A 150 8.75 8.46 18.99
C ASP A 150 8.24 8.21 20.42
N GLU A 151 9.15 8.41 21.38
CA GLU A 151 8.93 8.16 22.81
C GLU A 151 7.82 9.07 23.34
N GLU A 152 7.56 10.23 22.68
CA GLU A 152 6.60 11.24 23.21
C GLU A 152 5.19 11.09 22.61
N MET A 153 4.99 10.24 21.56
CA MET A 153 3.69 10.26 20.84
C MET A 153 2.63 9.51 21.67
N ASP A 154 1.38 9.98 21.49
CA ASP A 154 0.15 9.36 22.03
C ASP A 154 -0.48 8.31 21.07
N ILE A 155 -0.18 7.00 21.31
CA ILE A 155 -0.44 5.93 20.31
C ILE A 155 -1.94 5.77 20.04
N LYS A 156 -2.76 5.83 21.08
CA LYS A 156 -4.20 5.55 20.93
C LYS A 156 -4.85 6.68 20.10
N ASP A 157 -4.48 7.91 20.45
CA ASP A 157 -5.03 9.10 19.76
C ASP A 157 -4.59 9.08 18.30
N PHE A 158 -3.31 8.79 18.08
CA PHE A 158 -2.76 8.75 16.69
C PHE A 158 -3.55 7.74 15.86
N CYS A 159 -3.80 6.55 16.37
CA CYS A 159 -4.56 5.52 15.62
C CYS A 159 -5.99 5.96 15.31
N THR A 160 -6.67 6.55 16.32
CA THR A 160 -8.04 7.06 16.21
C THR A 160 -8.15 8.11 15.07
N HIS A 161 -7.17 9.02 15.01
CA HIS A 161 -7.29 10.24 14.16
C HIS A 161 -6.58 10.12 12.80
N GLU A 162 -5.48 9.33 12.72
CA GLU A 162 -4.61 9.36 11.54
C GLU A 162 -4.46 7.98 10.88
N VAL A 163 -5.13 6.94 11.36
CA VAL A 163 -5.03 5.58 10.78
C VAL A 163 -6.43 5.07 10.41
N GLU A 164 -7.34 4.98 11.38
CA GLU A 164 -8.65 4.36 11.17
C GLU A 164 -9.55 5.11 10.14
N PRO A 165 -9.67 6.46 10.18
CA PRO A 165 -10.63 7.13 9.30
C PRO A 165 -10.22 7.03 7.82
N MET A 166 -11.23 6.84 6.97
CA MET A 166 -10.96 6.95 5.50
C MET A 166 -10.44 8.36 5.20
N ALA A 167 -9.58 8.44 4.14
CA ALA A 167 -9.07 9.67 3.56
C ALA A 167 -7.98 10.36 4.39
N THR A 168 -7.45 9.68 5.45
CA THR A 168 -6.34 10.23 6.25
C THR A 168 -5.00 9.82 5.64
N GLU A 169 -4.14 10.81 5.43
CA GLU A 169 -2.82 10.62 4.85
C GLU A 169 -1.93 9.87 5.85
N CYS A 170 -0.97 9.13 5.29
CA CYS A 170 -0.02 8.22 5.93
CA CYS A 170 -0.11 8.35 6.17
C CYS A 170 1.28 8.96 6.19
N ASP A 171 2.12 8.44 7.11
CA ASP A 171 3.54 8.72 7.27
C ASP A 171 4.34 7.40 7.35
N HIS A 172 5.63 7.48 7.78
CA HIS A 172 6.52 6.29 7.92
C HIS A 172 5.90 5.24 8.86
N ILE A 173 5.21 5.68 9.94
CA ILE A 173 4.73 4.67 10.91
C ILE A 173 3.70 3.73 10.28
N GLN A 174 2.71 4.28 9.52
CA GLN A 174 1.70 3.41 8.92
C GLN A 174 2.34 2.46 7.88
N ILE A 175 3.34 2.98 7.14
CA ILE A 175 3.97 2.09 6.13
C ILE A 175 4.67 0.90 6.80
N THR A 176 5.48 1.22 7.83
CA THR A 176 6.19 0.20 8.59
C THR A 176 5.21 -0.81 9.20
N ALA A 177 4.13 -0.28 9.82
CA ALA A 177 3.15 -1.15 10.53
C ALA A 177 2.39 -2.09 9.58
N LEU A 178 1.91 -1.54 8.42
CA LEU A 178 1.16 -2.45 7.47
C LEU A 178 2.11 -3.49 6.79
N SER A 179 3.35 -3.05 6.46
CA SER A 179 4.42 -3.95 5.93
C SER A 179 4.64 -5.16 6.90
N GLN A 180 4.84 -4.82 8.19
CA GLN A 180 5.04 -5.86 9.19
C GLN A 180 3.78 -6.73 9.41
N ALA A 181 2.59 -6.10 9.39
CA ALA A 181 1.33 -6.82 9.68
C ALA A 181 1.03 -7.92 8.65
N LEU A 182 1.46 -7.69 7.38
CA LEU A 182 1.13 -8.61 6.29
C LEU A 182 2.41 -9.27 5.70
N SER A 183 3.59 -9.04 6.30
CA SER A 183 4.87 -9.52 5.80
C SER A 183 5.11 -9.15 4.33
N ILE A 184 4.84 -7.89 3.98
CA ILE A 184 5.03 -7.37 2.65
C ILE A 184 6.32 -6.54 2.67
N ALA A 185 7.28 -6.91 1.79
CA ALA A 185 8.50 -6.10 1.61
C ALA A 185 8.29 -5.08 0.47
N LEU A 186 8.51 -3.80 0.75
CA LEU A 186 8.26 -2.74 -0.26
C LEU A 186 9.42 -1.75 -0.27
N GLN A 187 9.66 -1.17 -1.45
CA GLN A 187 10.65 -0.13 -1.64
C GLN A 187 9.89 1.12 -2.13
N VAL A 188 10.15 2.28 -1.48
CA VAL A 188 9.60 3.55 -1.82
C VAL A 188 10.72 4.44 -2.40
N GLU A 189 10.49 4.89 -3.64
CA GLU A 189 11.33 5.92 -4.32
C GLU A 189 10.80 7.33 -4.07
N TYR A 190 11.66 8.24 -3.65
CA TYR A 190 11.25 9.61 -3.23
C TYR A 190 11.67 10.61 -4.32
N VAL A 191 10.70 11.31 -4.94
CA VAL A 191 10.91 12.35 -5.94
C VAL A 191 10.31 13.66 -5.40
N ASP A 192 11.17 14.57 -4.93
CA ASP A 192 10.76 15.90 -4.50
C ASP A 192 11.38 16.95 -5.43
N GLU A 193 11.11 18.24 -5.18
CA GLU A 193 11.61 19.33 -6.07
C GLU A 193 12.87 20.01 -5.52
N MET A 194 13.66 19.31 -4.68
CA MET A 194 14.94 19.82 -4.23
C MET A 194 16.06 19.22 -5.10
N ASP A 195 17.16 19.98 -5.28
CA ASP A 195 18.27 19.60 -6.20
C ASP A 195 19.20 18.60 -5.54
N THR A 196 18.66 17.41 -5.31
CA THR A 196 19.21 16.38 -4.44
C THR A 196 19.21 15.04 -5.17
N ALA A 197 19.77 13.98 -4.59
CA ALA A 197 19.77 12.68 -5.24
C ALA A 197 18.39 12.03 -5.19
N LEU A 198 18.00 11.38 -6.29
CA LEU A 198 16.89 10.41 -6.29
C LEU A 198 17.30 9.27 -5.34
N ASN A 199 16.46 8.97 -4.36
CA ASN A 199 16.81 8.05 -3.26
C ASN A 199 15.63 7.15 -2.94
N HIS A 200 15.88 6.06 -2.20
CA HIS A 200 14.81 5.16 -1.78
C HIS A 200 15.08 4.53 -0.40
N HIS A 201 14.01 3.96 0.16
CA HIS A 201 14.01 3.22 1.46
C HIS A 201 13.26 1.89 1.30
N VAL A 202 13.80 0.82 1.91
CA VAL A 202 13.17 -0.48 1.91
C VAL A 202 12.56 -0.74 3.29
N PHE A 203 11.33 -1.29 3.29
CA PHE A 203 10.55 -1.64 4.46
C PHE A 203 10.28 -3.16 4.42
N PRO A 204 10.91 -3.96 5.29
CA PRO A 204 11.97 -3.69 6.27
C PRO A 204 13.35 -3.57 5.63
N GLU A 205 14.30 -3.02 6.42
CA GLU A 205 15.62 -2.57 5.99
C GLU A 205 16.34 -3.67 5.21
N ALA A 206 16.24 -4.93 5.64
CA ALA A 206 17.16 -5.93 5.10
C ALA A 206 16.67 -6.55 3.78
N ALA A 207 15.37 -6.38 3.41
CA ALA A 207 14.57 -7.35 2.57
C ALA A 207 14.66 -7.12 1.05
N THR A 208 14.27 -8.16 0.31
CA THR A 208 14.06 -8.12 -1.16
C THR A 208 12.64 -7.68 -1.44
N PRO A 209 12.41 -6.50 -2.06
CA PRO A 209 11.05 -6.02 -2.23
C PRO A 209 10.22 -6.83 -3.24
N SER A 210 8.90 -6.88 -2.96
CA SER A 210 7.91 -7.42 -3.87
C SER A 210 7.13 -6.28 -4.56
N VAL A 211 7.12 -5.09 -3.94
CA VAL A 211 6.34 -3.93 -4.37
C VAL A 211 7.30 -2.72 -4.43
N TYR A 212 7.17 -1.89 -5.50
CA TYR A 212 7.88 -0.61 -5.65
C TYR A 212 6.83 0.51 -5.79
N LEU A 213 6.95 1.58 -5.02
CA LEU A 213 6.08 2.76 -5.07
C LEU A 213 6.90 4.01 -5.30
N LEU A 214 6.30 4.95 -6.03
CA LEU A 214 6.89 6.29 -6.31
C LEU A 214 6.13 7.29 -5.41
N TYR A 215 6.84 7.95 -4.47
CA TYR A 215 6.25 8.99 -3.63
C TYR A 215 6.62 10.40 -4.12
N LYS A 216 5.59 11.20 -4.45
CA LYS A 216 5.81 12.65 -4.71
C LYS A 216 4.76 13.58 -4.01
N THR A 217 3.47 13.37 -4.10
CA THR A 217 2.85 14.66 -3.61
C THR A 217 2.10 14.53 -2.27
N SER A 218 2.72 13.99 -1.22
CA SER A 218 1.88 13.15 -0.38
C SER A 218 1.15 12.11 -1.28
N HIS A 219 1.72 11.75 -2.43
CA HIS A 219 1.03 10.80 -3.35
C HIS A 219 1.91 9.56 -3.72
N TYR A 220 1.29 8.34 -3.79
CA TYR A 220 1.98 7.02 -4.13
C TYR A 220 1.44 6.42 -5.43
N ASN A 221 2.31 6.29 -6.45
CA ASN A 221 2.01 5.56 -7.72
C ASN A 221 2.83 4.26 -7.74
N ILE A 222 2.43 3.27 -8.57
CA ILE A 222 3.00 1.92 -8.57
C ILE A 222 4.06 1.80 -9.67
N LEU A 223 5.27 1.36 -9.34
CA LEU A 223 6.36 1.18 -10.32
C LEU A 223 6.55 -0.29 -10.65
N TYR A 224 7.12 -0.52 -11.86
CA TYR A 224 7.44 -1.84 -12.35
C TYR A 224 8.91 -1.86 -12.76
N ALA A 225 9.66 -2.81 -12.19
CA ALA A 225 11.10 -2.95 -12.44
C ALA A 225 11.34 -3.55 -13.83
#